data_4ZED
#
_entry.id   4ZED
#
_cell.length_a   77.640
_cell.length_b   114.920
_cell.length_c   113.930
_cell.angle_alpha   90.00
_cell.angle_beta   90.00
_cell.angle_gamma   90.00
#
_symmetry.space_group_name_H-M   'C 2 2 21'
#
loop_
_entity.id
_entity.type
_entity.pdbx_description
1 polymer 'ABC transporter, substrate binding protein (Agrocinopines A and B)'
2 non-polymer '[(2S,3S,4R,5R)-2,5-bis(hydroxymethyl)-2-[(2R,3R,4R,5R,6R)-6-(hydroxymethyl)-3,4,5-tris(oxidanyl)oxan-2-yl]oxy-4-[oxidanyl-[(2R,3R,4S,5S)-2,4,5-tris(oxidanyl)oxan-3-yl]oxy-phosphoryl]oxy-oxolan-3-yl] benzoate'
3 non-polymer 1,2-ETHANEDIOL
4 water water
#
_entity_poly.entity_id   1
_entity_poly.type   'polypeptide(L)'
_entity_poly.pdbx_seq_one_letter_code
;MQERRALRLGVNGLPNSLEPVNAISNVGPRIVNQIFDTLIARDFFAKGAPGNAIDLVPALAESWERIDEKSVRFKLRQKV
MFHDGVELTADDVAYTFSSERLWGPEAIKKIPLGKSYSLDFDEPVVEDKYTVTLRTKTPSYLIETFVASWMSRIVPKEYY
KKLGAVDFGNKPVGTGPYKFVEFVAGDRVVLEANDAYWGPKPTASKITYQIVAEPATRVAGLISGEYDIITTLTPDDIQL
INSYPDLETRGTLIENFHMFTFNMNQEVFKDKKLRRALALAVNRPIMVEALWKKQASIPAGFNFPNYGETFDPKRKAMEY
NVEEAKRLVKESGYDGTPITYHTMGNYYANAMPALMMMIEMWKQIGVNVVMKTYAPGSFPPDNQTWMRNWSNGQWMTDAY
ATIVPEFGPNGQVQKRWGWKAPAEFNELCQKVTVLPNGKERFDAYNRMRDIFEEEAPAVILYQPYDVYAARKDVHWKPVS
FEMMEFRNNLSFGHHHHHH
;
_entity_poly.pdbx_strand_id   A
#
loop_
_chem_comp.id
_chem_comp.type
_chem_comp.name
_chem_comp.formula
AGW non-polymer '[(2S,3S,4R,5R)-2,5-bis(hydroxymethyl)-2-[(2R,3R,4R,5R,6R)-6-(hydroxymethyl)-3,4,5-tris(oxidanyl)oxan-2-yl]oxy-4-[oxidanyl-[(2R,3R,4S,5S)-2,4,5-tris(oxidanyl)oxan-3-yl]oxy-phosphoryl]oxy-oxolan-3-yl] benzoate' 'C24 H35 O19 P'
EDO non-polymer 1,2-ETHANEDIOL 'C2 H6 O2'
#
# COMPACT_ATOMS: atom_id res chain seq x y z
N ARG A 4 24.99 -13.34 15.17
CA ARG A 4 23.67 -12.74 15.06
C ARG A 4 22.58 -13.82 14.96
N ARG A 5 21.42 -13.56 15.59
CA ARG A 5 20.28 -14.47 15.56
C ARG A 5 19.54 -14.34 14.22
N ALA A 6 18.83 -15.41 13.81
CA ALA A 6 17.97 -15.40 12.63
C ALA A 6 16.61 -14.88 13.10
N LEU A 7 15.95 -14.08 12.26
CA LEU A 7 14.65 -13.51 12.58
C LEU A 7 13.57 -14.29 11.83
N ARG A 8 12.57 -14.82 12.55
CA ARG A 8 11.50 -15.61 11.93
C ARG A 8 10.17 -14.89 12.05
N LEU A 9 9.57 -14.59 10.90
CA LEU A 9 8.32 -13.84 10.82
C LEU A 9 7.17 -14.71 10.32
N GLY A 10 6.06 -14.67 11.05
CA GLY A 10 4.80 -15.34 10.70
C GLY A 10 3.94 -14.28 10.06
N VAL A 11 3.67 -14.42 8.75
CA VAL A 11 2.97 -13.40 7.97
C VAL A 11 1.58 -13.80 7.46
N ASN A 12 0.72 -12.82 7.14
CA ASN A 12 -0.61 -13.17 6.64
C ASN A 12 -0.62 -13.52 5.15
N GLY A 13 0.43 -13.14 4.42
CA GLY A 13 0.57 -13.42 2.99
C GLY A 13 1.94 -13.06 2.46
N LEU A 14 2.20 -13.43 1.20
CA LEU A 14 3.46 -13.12 0.51
C LEU A 14 3.12 -12.58 -0.87
N PRO A 15 3.96 -11.72 -1.47
CA PRO A 15 3.65 -11.27 -2.84
C PRO A 15 3.93 -12.40 -3.80
N ASN A 16 3.44 -12.30 -5.04
CA ASN A 16 3.72 -13.31 -6.06
C ASN A 16 5.09 -13.05 -6.70
N SER A 17 5.61 -11.83 -6.53
CA SER A 17 6.89 -11.40 -7.12
C SER A 17 7.67 -10.48 -6.18
N LEU A 18 9.00 -10.52 -6.29
CA LEU A 18 9.88 -9.65 -5.54
C LEU A 18 10.42 -8.48 -6.36
N GLU A 19 9.87 -8.32 -7.59
CA GLU A 19 10.12 -7.15 -8.43
C GLU A 19 9.41 -6.02 -7.61
N PRO A 20 10.16 -4.95 -7.21
CA PRO A 20 9.60 -3.98 -6.23
C PRO A 20 8.29 -3.28 -6.53
N VAL A 21 8.06 -2.91 -7.80
CA VAL A 21 6.80 -2.25 -8.19
C VAL A 21 5.67 -3.29 -8.17
N ASN A 22 5.89 -4.48 -8.77
CA ASN A 22 4.89 -5.55 -8.80
C ASN A 22 4.54 -6.07 -7.41
N ALA A 23 5.48 -5.92 -6.45
CA ALA A 23 5.32 -6.34 -5.05
C ALA A 23 4.44 -5.36 -4.22
N ILE A 24 4.04 -4.20 -4.79
CA ILE A 24 3.20 -3.23 -4.07
C ILE A 24 1.89 -3.89 -3.61
N SER A 25 1.69 -3.92 -2.28
CA SER A 25 0.56 -4.57 -1.60
C SER A 25 0.77 -4.45 -0.10
N ASN A 26 -0.13 -5.04 0.72
CA ASN A 26 0.07 -5.03 2.17
C ASN A 26 1.21 -5.98 2.58
N VAL A 27 1.53 -6.96 1.72
CA VAL A 27 2.49 -8.03 2.02
C VAL A 27 3.89 -7.93 1.36
N GLY A 28 4.02 -7.18 0.28
CA GLY A 28 5.29 -7.07 -0.45
C GLY A 28 6.32 -6.17 0.21
N PRO A 29 5.94 -4.91 0.56
CA PRO A 29 6.92 -3.97 1.13
C PRO A 29 7.74 -4.41 2.31
N ARG A 30 7.15 -5.20 3.25
CA ARG A 30 7.91 -5.68 4.43
C ARG A 30 9.13 -6.54 4.03
N ILE A 31 9.11 -7.11 2.80
CA ILE A 31 10.20 -7.91 2.21
C ILE A 31 11.07 -7.02 1.29
N VAL A 32 10.44 -6.32 0.31
CA VAL A 32 11.21 -5.53 -0.66
C VAL A 32 11.97 -4.33 -0.05
N ASN A 33 11.48 -3.84 1.11
CA ASN A 33 12.13 -2.77 1.86
C ASN A 33 13.50 -3.23 2.36
N GLN A 34 13.69 -4.53 2.53
CA GLN A 34 14.97 -5.09 2.97
C GLN A 34 15.96 -5.31 1.83
N ILE A 35 15.46 -5.69 0.65
CA ILE A 35 16.30 -6.03 -0.50
C ILE A 35 16.81 -4.79 -1.24
N PHE A 36 15.99 -3.73 -1.27
CA PHE A 36 16.26 -2.51 -2.01
C PHE A 36 16.36 -1.24 -1.17
N ASP A 37 16.80 -0.16 -1.83
CA ASP A 37 16.84 1.18 -1.27
C ASP A 37 16.19 2.13 -2.29
N THR A 38 15.85 3.32 -1.83
CA THR A 38 15.33 4.41 -2.65
C THR A 38 16.37 5.54 -2.62
N LEU A 39 16.20 6.55 -3.48
CA LEU A 39 17.11 7.71 -3.52
C LEU A 39 16.98 8.57 -2.25
N ILE A 40 15.72 8.77 -1.83
CA ILE A 40 15.29 9.49 -0.63
C ILE A 40 14.52 8.48 0.23
N ALA A 41 14.76 8.51 1.54
CA ALA A 41 14.07 7.60 2.46
C ALA A 41 13.37 8.37 3.60
N ARG A 42 12.51 7.68 4.35
CA ARG A 42 11.79 8.26 5.47
C ARG A 42 12.38 7.80 6.78
N ASP A 43 12.58 8.72 7.72
CA ASP A 43 13.05 8.36 9.04
C ASP A 43 11.83 8.51 9.93
N PHE A 44 11.13 7.39 10.12
CA PHE A 44 9.92 7.37 10.95
C PHE A 44 10.21 7.63 12.46
N PHE A 45 11.48 7.57 12.87
CA PHE A 45 11.87 7.72 14.27
C PHE A 45 12.56 9.04 14.63
N ALA A 46 12.57 10.01 13.69
CA ALA A 46 13.20 11.32 13.91
C ALA A 46 12.61 12.05 15.11
N LYS A 47 13.49 12.73 15.89
CA LYS A 47 13.13 13.52 17.09
C LYS A 47 12.23 12.76 18.11
N GLY A 48 12.58 11.50 18.38
CA GLY A 48 11.87 10.64 19.33
C GLY A 48 10.44 10.29 18.98
N ALA A 49 10.05 10.42 17.68
CA ALA A 49 8.70 10.09 17.22
C ALA A 49 8.47 8.58 17.34
N PRO A 50 7.27 8.16 17.76
CA PRO A 50 7.02 6.71 17.91
C PRO A 50 6.68 6.04 16.56
N GLY A 51 7.62 6.09 15.61
CA GLY A 51 7.48 5.45 14.30
C GLY A 51 6.52 6.08 13.32
N ASN A 52 6.17 7.36 13.51
CA ASN A 52 5.23 8.07 12.63
C ASN A 52 5.80 9.39 12.07
N ALA A 53 7.10 9.70 12.30
CA ALA A 53 7.70 10.94 11.80
C ALA A 53 7.63 11.04 10.27
N ILE A 54 7.40 12.26 9.76
CA ILE A 54 7.27 12.50 8.32
C ILE A 54 8.60 12.87 7.64
N ASP A 55 9.67 12.98 8.45
CA ASP A 55 11.02 13.38 8.04
C ASP A 55 11.61 12.54 6.91
N LEU A 56 12.09 13.23 5.85
CA LEU A 56 12.74 12.62 4.68
C LEU A 56 14.24 12.81 4.78
N VAL A 57 15.01 11.76 4.47
CA VAL A 57 16.46 11.78 4.61
C VAL A 57 17.20 11.27 3.35
N PRO A 58 18.46 11.72 3.11
CA PRO A 58 19.22 11.15 1.98
C PRO A 58 19.37 9.64 2.16
N ALA A 59 19.34 8.92 1.05
CA ALA A 59 19.54 7.47 1.06
C ALA A 59 20.51 7.16 -0.09
N LEU A 60 20.05 6.59 -1.21
CA LEU A 60 20.94 6.37 -2.35
C LEU A 60 21.39 7.70 -3.00
N ALA A 61 20.60 8.77 -2.83
CA ALA A 61 21.01 10.10 -3.26
C ALA A 61 21.53 10.85 -2.01
N GLU A 62 22.74 11.40 -2.09
CA GLU A 62 23.32 12.17 -1.00
C GLU A 62 22.64 13.52 -0.90
N SER A 63 22.25 14.06 -2.07
CA SER A 63 21.59 15.34 -2.18
C SER A 63 20.82 15.41 -3.48
N TRP A 64 19.90 16.36 -3.54
CA TRP A 64 19.07 16.60 -4.72
C TRP A 64 18.64 18.05 -4.73
N GLU A 65 18.27 18.54 -5.91
CA GLU A 65 17.83 19.91 -6.09
C GLU A 65 16.86 20.01 -7.26
N ARG A 66 15.77 20.74 -7.04
CA ARG A 66 14.79 20.97 -8.09
C ARG A 66 15.40 22.01 -9.03
N ILE A 67 15.51 21.66 -10.32
CA ILE A 67 16.10 22.54 -11.34
C ILE A 67 15.04 23.50 -11.88
N ASP A 68 13.83 22.98 -12.10
CA ASP A 68 12.67 23.75 -12.60
C ASP A 68 11.36 23.02 -12.25
N GLU A 69 10.23 23.47 -12.82
CA GLU A 69 8.89 22.91 -12.57
C GLU A 69 8.74 21.43 -12.96
N LYS A 70 9.66 20.88 -13.77
CA LYS A 70 9.54 19.49 -14.21
C LYS A 70 10.78 18.64 -14.06
N SER A 71 11.77 19.06 -13.24
CA SER A 71 12.98 18.24 -13.09
C SER A 71 13.68 18.40 -11.76
N VAL A 72 14.25 17.29 -11.28
CA VAL A 72 15.03 17.23 -10.03
C VAL A 72 16.34 16.52 -10.33
N ARG A 73 17.47 17.14 -9.94
CA ARG A 73 18.80 16.57 -10.18
C ARG A 73 19.30 15.94 -8.90
N PHE A 74 19.75 14.68 -9.00
CA PHE A 74 20.22 13.87 -7.88
C PHE A 74 21.71 13.60 -7.97
N LYS A 75 22.42 13.78 -6.85
CA LYS A 75 23.83 13.45 -6.66
C LYS A 75 23.84 12.14 -5.85
N LEU A 76 24.33 11.09 -6.45
CA LEU A 76 24.29 9.77 -5.84
C LEU A 76 25.43 9.45 -4.90
N ARG A 77 25.14 8.57 -3.92
CA ARG A 77 26.15 8.02 -3.01
C ARG A 77 27.12 7.26 -3.90
N GLN A 78 28.41 7.38 -3.60
CA GLN A 78 29.44 6.72 -4.40
C GLN A 78 29.86 5.40 -3.75
N LYS A 79 30.31 4.45 -4.59
CA LYS A 79 30.81 3.13 -4.16
C LYS A 79 29.76 2.24 -3.48
N VAL A 80 28.47 2.45 -3.81
CA VAL A 80 27.40 1.60 -3.29
C VAL A 80 27.43 0.35 -4.17
N MET A 81 27.32 -0.83 -3.56
CA MET A 81 27.29 -2.08 -4.31
C MET A 81 25.92 -2.78 -4.28
N PHE A 82 25.50 -3.31 -5.45
CA PHE A 82 24.36 -4.20 -5.50
C PHE A 82 24.87 -5.51 -4.86
N HIS A 83 23.97 -6.43 -4.49
CA HIS A 83 24.35 -7.70 -3.82
C HIS A 83 25.35 -8.59 -4.58
N ASP A 84 25.40 -8.46 -5.90
CA ASP A 84 26.36 -9.21 -6.72
C ASP A 84 27.72 -8.47 -6.94
N GLY A 85 27.95 -7.39 -6.19
CA GLY A 85 29.21 -6.63 -6.29
C GLY A 85 29.28 -5.52 -7.32
N VAL A 86 28.26 -5.43 -8.20
CA VAL A 86 28.19 -4.40 -9.25
C VAL A 86 27.95 -3.03 -8.57
N GLU A 87 28.73 -2.00 -8.95
CA GLU A 87 28.58 -0.65 -8.38
C GLU A 87 27.32 0.04 -8.92
N LEU A 88 26.57 0.70 -8.04
CA LEU A 88 25.40 1.50 -8.39
C LEU A 88 25.90 2.76 -9.11
N THR A 89 25.29 3.08 -10.26
CA THR A 89 25.62 4.31 -10.97
C THR A 89 24.29 4.95 -11.43
N ALA A 90 24.40 6.14 -12.01
CA ALA A 90 23.26 6.87 -12.59
C ALA A 90 22.61 6.02 -13.70
N ASP A 91 23.36 5.08 -14.32
CA ASP A 91 22.84 4.17 -15.34
C ASP A 91 21.67 3.30 -14.77
N ASP A 92 21.86 2.75 -13.55
CA ASP A 92 20.83 1.95 -12.85
C ASP A 92 19.63 2.82 -12.46
N VAL A 93 19.90 4.05 -11.99
CA VAL A 93 18.83 4.98 -11.59
C VAL A 93 17.99 5.37 -12.81
N ALA A 94 18.65 5.74 -13.94
CA ALA A 94 17.95 6.08 -15.19
C ALA A 94 17.09 4.88 -15.66
N TYR A 95 17.66 3.66 -15.60
CA TYR A 95 16.92 2.47 -16.01
C TYR A 95 15.66 2.24 -15.14
N THR A 96 15.79 2.40 -13.81
CA THR A 96 14.70 2.24 -12.85
C THR A 96 13.50 3.11 -13.25
N PHE A 97 13.76 4.35 -13.70
CA PHE A 97 12.72 5.32 -14.09
C PHE A 97 12.52 5.49 -15.59
N SER A 98 12.95 4.49 -16.40
CA SER A 98 12.92 4.57 -17.86
C SER A 98 11.56 4.21 -18.44
N SER A 99 11.35 4.64 -19.69
CA SER A 99 10.16 4.30 -20.48
C SER A 99 10.15 2.76 -20.66
N GLU A 100 11.32 2.18 -21.02
CA GLU A 100 11.50 0.75 -21.28
C GLU A 100 11.09 -0.13 -20.10
N ARG A 101 11.55 0.22 -18.89
CA ARG A 101 11.29 -0.60 -17.70
C ARG A 101 10.00 -0.26 -16.96
N LEU A 102 9.66 1.03 -16.86
CA LEU A 102 8.57 1.43 -15.98
C LEU A 102 7.27 1.94 -16.57
N TRP A 103 7.31 3.06 -17.28
CA TRP A 103 6.12 3.82 -17.71
C TRP A 103 5.76 3.84 -19.20
N GLY A 104 6.65 3.37 -20.06
CA GLY A 104 6.40 3.38 -21.50
C GLY A 104 5.45 2.28 -21.96
N PRO A 105 5.04 2.32 -23.25
CA PRO A 105 4.14 1.27 -23.79
C PRO A 105 4.72 -0.14 -23.66
N GLU A 106 6.04 -0.29 -23.90
CA GLU A 106 6.76 -1.57 -23.82
C GLU A 106 6.97 -2.12 -22.38
N ALA A 107 6.49 -1.40 -21.33
CA ALA A 107 6.65 -1.81 -19.93
C ALA A 107 5.39 -2.44 -19.32
N ILE A 108 4.20 -2.18 -19.91
CA ILE A 108 2.90 -2.64 -19.43
C ILE A 108 2.82 -4.15 -19.25
N LYS A 109 3.41 -4.91 -20.18
CA LYS A 109 3.39 -6.37 -20.09
C LYS A 109 4.13 -6.90 -18.85
N LYS A 110 5.25 -6.26 -18.49
CA LYS A 110 6.10 -6.70 -17.38
C LYS A 110 5.70 -6.07 -16.04
N ILE A 111 5.27 -4.80 -16.04
CA ILE A 111 4.85 -4.12 -14.80
C ILE A 111 3.46 -3.56 -15.11
N PRO A 112 2.40 -4.39 -14.89
CA PRO A 112 1.04 -3.99 -15.29
C PRO A 112 0.53 -2.61 -14.82
N LEU A 113 0.93 -2.20 -13.62
CA LEU A 113 0.50 -0.92 -13.03
C LEU A 113 1.59 0.17 -13.04
N GLY A 114 2.70 -0.08 -13.73
CA GLY A 114 3.82 0.87 -13.85
C GLY A 114 3.39 2.22 -14.40
N LYS A 115 2.72 2.24 -15.57
CA LYS A 115 2.27 3.51 -16.16
C LYS A 115 1.16 4.18 -15.34
N SER A 116 0.14 3.42 -14.89
CA SER A 116 -0.96 3.98 -14.11
C SER A 116 -0.54 4.59 -12.77
N TYR A 117 0.51 4.03 -12.13
CA TYR A 117 1.04 4.52 -10.85
C TYR A 117 2.15 5.57 -11.00
N SER A 118 2.66 5.76 -12.23
CA SER A 118 3.75 6.70 -12.46
C SER A 118 3.26 8.11 -12.78
N LEU A 119 4.17 9.08 -12.65
CA LEU A 119 3.95 10.48 -13.02
C LEU A 119 4.07 10.52 -14.55
N ASP A 120 3.83 11.69 -15.17
CA ASP A 120 3.95 11.85 -16.63
C ASP A 120 5.46 12.01 -16.95
N PHE A 121 6.24 10.95 -16.74
CA PHE A 121 7.69 11.03 -16.91
C PHE A 121 8.16 11.29 -18.33
N ASP A 122 9.31 11.94 -18.39
CA ASP A 122 10.13 12.14 -19.56
C ASP A 122 11.33 11.22 -19.28
N GLU A 123 12.08 10.80 -20.31
CA GLU A 123 13.23 9.92 -20.08
C GLU A 123 14.25 10.58 -19.12
N PRO A 124 14.76 9.84 -18.08
CA PRO A 124 15.78 10.43 -17.20
C PRO A 124 17.03 10.87 -17.99
N VAL A 125 17.81 11.80 -17.43
CA VAL A 125 19.03 12.30 -18.07
C VAL A 125 20.22 12.00 -17.15
N VAL A 126 21.18 11.22 -17.65
CA VAL A 126 22.39 10.89 -16.91
C VAL A 126 23.40 12.02 -17.20
N GLU A 127 23.84 12.75 -16.16
CA GLU A 127 24.83 13.85 -16.32
C GLU A 127 26.25 13.27 -16.24
N ASP A 128 26.46 12.36 -15.27
CA ASP A 128 27.72 11.64 -15.10
C ASP A 128 27.44 10.37 -14.30
N LYS A 129 28.48 9.60 -14.00
CA LYS A 129 28.37 8.34 -13.24
C LYS A 129 27.49 8.44 -11.97
N TYR A 130 27.58 9.59 -11.26
CA TYR A 130 26.88 9.81 -10.01
C TYR A 130 25.86 10.93 -10.03
N THR A 131 25.39 11.33 -11.21
CA THR A 131 24.44 12.44 -11.33
C THR A 131 23.37 12.08 -12.34
N VAL A 132 22.11 12.23 -11.92
CA VAL A 132 20.97 11.88 -12.76
C VAL A 132 19.82 12.85 -12.50
N THR A 133 19.16 13.27 -13.58
CA THR A 133 18.00 14.14 -13.49
C THR A 133 16.77 13.33 -13.85
N LEU A 134 15.78 13.37 -12.96
CA LEU A 134 14.49 12.71 -13.17
C LEU A 134 13.54 13.82 -13.53
N ARG A 135 12.74 13.60 -14.57
CA ARG A 135 11.90 14.68 -15.08
C ARG A 135 10.56 14.20 -15.60
N THR A 136 9.63 15.15 -15.73
CA THR A 136 8.31 14.94 -16.28
C THR A 136 8.16 15.77 -17.58
N LYS A 137 7.23 15.38 -18.47
CA LYS A 137 6.97 16.05 -19.74
C LYS A 137 6.18 17.35 -19.52
N THR A 138 5.35 17.36 -18.46
CA THR A 138 4.51 18.46 -18.02
C THR A 138 4.95 18.84 -16.59
N PRO A 139 4.59 20.04 -16.06
CA PRO A 139 5.01 20.37 -14.68
C PRO A 139 4.54 19.35 -13.64
N SER A 140 5.42 19.05 -12.67
CA SER A 140 5.09 18.13 -11.57
C SER A 140 5.85 18.53 -10.34
N TYR A 141 5.11 18.80 -9.27
CA TYR A 141 5.73 19.14 -8.00
C TYR A 141 5.77 17.88 -7.14
N LEU A 142 5.45 16.71 -7.75
CA LEU A 142 5.41 15.43 -7.03
C LEU A 142 6.65 14.55 -7.18
N ILE A 143 7.65 15.01 -7.94
CA ILE A 143 8.84 14.19 -8.21
C ILE A 143 9.51 13.72 -6.92
N GLU A 144 9.70 14.64 -5.97
CA GLU A 144 10.37 14.36 -4.69
C GLU A 144 9.64 13.28 -3.88
N THR A 145 8.33 13.45 -3.68
CA THR A 145 7.57 12.45 -2.92
C THR A 145 7.52 11.11 -3.65
N PHE A 146 7.40 11.13 -4.99
CA PHE A 146 7.39 9.88 -5.78
C PHE A 146 8.69 9.09 -5.56
N VAL A 147 9.82 9.80 -5.62
CA VAL A 147 11.14 9.21 -5.46
C VAL A 147 11.38 8.59 -4.06
N ALA A 148 10.68 9.11 -3.03
CA ALA A 148 10.79 8.55 -1.68
C ALA A 148 9.85 7.33 -1.44
N SER A 149 8.97 7.05 -2.42
CA SER A 149 7.92 6.04 -2.35
C SER A 149 8.31 4.62 -2.75
N TRP A 150 7.35 3.69 -2.54
CA TRP A 150 7.49 2.28 -2.91
C TRP A 150 7.51 2.06 -4.42
N MET A 151 7.26 3.11 -5.24
CA MET A 151 7.36 2.96 -6.69
C MET A 151 8.82 3.08 -7.14
N SER A 152 9.69 3.53 -6.25
CA SER A 152 11.01 3.99 -6.60
C SER A 152 12.22 3.25 -6.06
N ARG A 153 12.05 1.98 -5.71
CA ARG A 153 13.21 1.19 -5.28
C ARG A 153 14.11 0.98 -6.49
N ILE A 154 15.42 1.13 -6.28
CA ILE A 154 16.40 1.09 -7.39
C ILE A 154 16.82 -0.32 -7.78
N VAL A 155 16.64 -0.66 -9.06
CA VAL A 155 17.00 -1.97 -9.61
C VAL A 155 18.34 -1.93 -10.39
N PRO A 156 19.08 -3.06 -10.49
CA PRO A 156 20.33 -3.05 -11.28
C PRO A 156 20.02 -3.25 -12.76
N LYS A 157 20.41 -2.28 -13.60
CA LYS A 157 20.15 -2.35 -15.03
C LYS A 157 20.58 -3.66 -15.75
N GLU A 158 21.88 -3.98 -15.71
CA GLU A 158 22.39 -5.14 -16.46
C GLU A 158 21.75 -6.45 -16.03
N TYR A 159 21.74 -6.72 -14.72
CA TYR A 159 21.16 -7.94 -14.14
C TYR A 159 19.65 -8.02 -14.45
N TYR A 160 18.92 -6.91 -14.25
CA TYR A 160 17.48 -6.87 -14.52
C TYR A 160 17.16 -7.16 -15.98
N LYS A 161 17.87 -6.50 -16.92
CA LYS A 161 17.69 -6.70 -18.37
C LYS A 161 18.04 -8.14 -18.77
N LYS A 162 19.10 -8.69 -18.16
CA LYS A 162 19.57 -10.06 -18.43
C LYS A 162 18.47 -11.08 -18.08
N LEU A 163 17.90 -10.96 -16.88
CA LEU A 163 16.86 -11.88 -16.39
C LEU A 163 15.47 -11.63 -16.92
N GLY A 164 15.10 -10.37 -17.09
CA GLY A 164 13.74 -9.99 -17.44
C GLY A 164 12.96 -9.80 -16.14
N ALA A 165 11.89 -8.97 -16.16
CA ALA A 165 11.11 -8.69 -14.95
C ALA A 165 10.56 -9.93 -14.21
N VAL A 166 10.09 -10.97 -14.94
CA VAL A 166 9.53 -12.19 -14.31
C VAL A 166 10.61 -12.92 -13.50
N ASP A 167 11.72 -13.30 -14.16
CA ASP A 167 12.85 -13.99 -13.54
C ASP A 167 13.51 -13.15 -12.45
N PHE A 168 13.57 -11.82 -12.65
CA PHE A 168 14.11 -10.90 -11.63
C PHE A 168 13.27 -10.99 -10.34
N GLY A 169 11.95 -11.04 -10.49
CA GLY A 169 11.02 -11.14 -9.37
C GLY A 169 11.19 -12.40 -8.53
N ASN A 170 11.82 -13.45 -9.12
CA ASN A 170 12.10 -14.73 -8.46
C ASN A 170 13.51 -14.81 -7.87
N LYS A 171 14.43 -13.94 -8.31
CA LYS A 171 15.83 -13.89 -7.86
C LYS A 171 16.25 -12.40 -7.82
N PRO A 172 15.63 -11.54 -6.96
CA PRO A 172 15.96 -10.11 -6.97
C PRO A 172 17.37 -9.81 -6.47
N VAL A 173 17.95 -8.74 -7.02
CA VAL A 173 19.25 -8.21 -6.58
C VAL A 173 19.01 -6.71 -6.36
N GLY A 174 19.34 -6.22 -5.17
CA GLY A 174 19.23 -4.81 -4.83
C GLY A 174 20.45 -4.31 -4.09
N THR A 175 20.34 -3.12 -3.47
CA THR A 175 21.43 -2.53 -2.67
C THR A 175 21.14 -2.61 -1.16
N GLY A 176 19.98 -3.15 -0.79
CA GLY A 176 19.46 -3.20 0.57
C GLY A 176 20.24 -3.98 1.62
N PRO A 177 19.85 -3.80 2.91
CA PRO A 177 20.55 -4.47 4.03
C PRO A 177 20.44 -6.01 4.04
N TYR A 178 19.46 -6.56 3.31
CA TYR A 178 19.31 -8.03 3.24
C TYR A 178 19.26 -8.50 1.81
N LYS A 179 19.87 -9.64 1.52
CA LYS A 179 19.93 -10.20 0.18
C LYS A 179 19.18 -11.52 0.06
N PHE A 180 18.74 -11.82 -1.15
CA PHE A 180 17.93 -12.98 -1.48
C PHE A 180 18.60 -14.34 -1.21
N VAL A 181 17.84 -15.26 -0.60
CA VAL A 181 18.30 -16.62 -0.37
C VAL A 181 17.34 -17.55 -1.10
N GLU A 182 16.03 -17.43 -0.80
CA GLU A 182 15.03 -18.28 -1.45
C GLU A 182 13.65 -17.69 -1.47
N PHE A 183 12.86 -18.11 -2.46
CA PHE A 183 11.47 -17.74 -2.60
C PHE A 183 10.71 -18.97 -3.06
N VAL A 184 9.94 -19.56 -2.14
CA VAL A 184 9.08 -20.72 -2.42
C VAL A 184 7.68 -20.15 -2.49
N ALA A 185 7.15 -20.04 -3.73
CA ALA A 185 5.83 -19.50 -4.06
C ALA A 185 4.74 -19.99 -3.11
N GLY A 186 4.03 -19.03 -2.52
CA GLY A 186 2.94 -19.26 -1.58
C GLY A 186 3.33 -20.00 -0.31
N ASP A 187 4.62 -19.91 0.09
CA ASP A 187 5.11 -20.60 1.29
C ASP A 187 6.07 -19.73 2.12
N ARG A 188 7.27 -19.44 1.59
CA ARG A 188 8.24 -18.64 2.33
C ARG A 188 9.24 -17.87 1.48
N VAL A 189 9.82 -16.85 2.12
CA VAL A 189 10.91 -16.05 1.57
C VAL A 189 12.00 -16.08 2.63
N VAL A 190 13.24 -16.33 2.21
CA VAL A 190 14.40 -16.28 3.11
C VAL A 190 15.38 -15.24 2.58
N LEU A 191 15.81 -14.30 3.45
CA LEU A 191 16.85 -13.30 3.14
C LEU A 191 18.01 -13.49 4.12
N GLU A 192 19.20 -13.06 3.74
CA GLU A 192 20.38 -13.10 4.61
C GLU A 192 21.02 -11.72 4.66
N ALA A 193 21.74 -11.43 5.75
CA ALA A 193 22.44 -10.18 5.98
C ALA A 193 23.34 -9.82 4.80
N ASN A 194 23.24 -8.57 4.33
CA ASN A 194 24.12 -8.03 3.31
C ASN A 194 25.16 -7.25 4.12
N ASP A 195 26.27 -7.91 4.41
CA ASP A 195 27.32 -7.27 5.21
C ASP A 195 28.10 -6.16 4.49
N ALA A 196 27.89 -6.02 3.17
CA ALA A 196 28.52 -4.95 2.37
C ALA A 196 27.60 -3.72 2.25
N TYR A 197 26.50 -3.69 3.04
CA TYR A 197 25.50 -2.61 3.03
C TYR A 197 26.13 -1.25 3.34
N TRP A 198 25.73 -0.22 2.57
CA TRP A 198 26.25 1.15 2.72
C TRP A 198 25.76 1.85 4.00
N GLY A 199 24.56 1.47 4.46
CA GLY A 199 23.95 2.10 5.63
C GLY A 199 24.20 1.32 6.92
N PRO A 200 23.26 1.41 7.90
CA PRO A 200 23.45 0.66 9.17
C PRO A 200 23.56 -0.84 8.90
N LYS A 201 24.60 -1.48 9.45
CA LYS A 201 24.85 -2.91 9.25
C LYS A 201 23.63 -3.76 9.71
N PRO A 202 23.20 -4.78 8.91
CA PRO A 202 22.06 -5.61 9.34
C PRO A 202 22.36 -6.32 10.67
N THR A 203 21.37 -6.39 11.58
CA THR A 203 21.52 -6.97 12.92
C THR A 203 21.05 -8.42 13.01
N ALA A 204 20.35 -8.92 11.98
CA ALA A 204 19.93 -10.33 11.98
C ALA A 204 20.78 -11.06 10.92
N SER A 205 21.14 -12.33 11.16
CA SER A 205 21.94 -13.12 10.21
C SER A 205 21.07 -13.50 8.99
N LYS A 206 19.78 -13.77 9.25
CA LYS A 206 18.77 -14.19 8.27
C LYS A 206 17.42 -13.65 8.67
N ILE A 207 16.53 -13.50 7.69
CA ILE A 207 15.12 -13.16 7.94
C ILE A 207 14.30 -14.14 7.13
N THR A 208 13.34 -14.83 7.79
CA THR A 208 12.39 -15.73 7.12
C THR A 208 10.97 -15.14 7.27
N TYR A 209 10.20 -15.15 6.16
CA TYR A 209 8.80 -14.71 6.12
C TYR A 209 8.04 -15.97 5.75
N GLN A 210 7.30 -16.53 6.70
CA GLN A 210 6.54 -17.76 6.49
C GLN A 210 5.04 -17.44 6.50
N ILE A 211 4.32 -17.79 5.42
CA ILE A 211 2.87 -17.55 5.37
C ILE A 211 2.16 -18.49 6.37
N VAL A 212 1.27 -17.92 7.19
CA VAL A 212 0.39 -18.62 8.14
C VAL A 212 -0.94 -17.88 7.96
N ALA A 213 -1.77 -18.34 6.99
CA ALA A 213 -3.03 -17.65 6.62
C ALA A 213 -4.01 -17.43 7.79
N GLU A 214 -4.16 -18.44 8.66
CA GLU A 214 -5.06 -18.37 9.81
C GLU A 214 -4.41 -17.64 10.98
N PRO A 215 -5.03 -16.52 11.46
CA PRO A 215 -4.43 -15.78 12.59
C PRO A 215 -4.25 -16.58 13.89
N ALA A 216 -5.18 -17.49 14.24
CA ALA A 216 -5.07 -18.34 15.44
C ALA A 216 -3.80 -19.22 15.39
N THR A 217 -3.54 -19.85 14.21
CA THR A 217 -2.35 -20.67 13.93
C THR A 217 -1.08 -19.79 13.97
N ARG A 218 -1.18 -18.50 13.56
CA ARG A 218 -0.06 -17.55 13.56
C ARG A 218 0.33 -17.21 15.02
N VAL A 219 -0.68 -16.92 15.86
CA VAL A 219 -0.53 -16.62 17.29
C VAL A 219 0.08 -17.83 18.02
N ALA A 220 -0.40 -19.06 17.71
CA ALA A 220 0.11 -20.32 18.25
C ALA A 220 1.60 -20.53 17.91
N GLY A 221 2.02 -20.05 16.72
CA GLY A 221 3.39 -20.12 16.25
C GLY A 221 4.32 -19.24 17.07
N LEU A 222 3.86 -18.02 17.45
CA LEU A 222 4.62 -17.11 18.29
C LEU A 222 4.78 -17.74 19.69
N ILE A 223 3.66 -18.23 20.29
CA ILE A 223 3.62 -18.87 21.61
C ILE A 223 4.55 -20.11 21.69
N SER A 224 4.51 -20.98 20.67
CA SER A 224 5.34 -22.18 20.59
C SER A 224 6.83 -21.87 20.31
N GLY A 225 7.11 -20.63 19.89
CA GLY A 225 8.47 -20.18 19.62
C GLY A 225 8.96 -20.39 18.21
N GLU A 226 8.05 -20.68 17.27
CA GLU A 226 8.35 -20.86 15.85
C GLU A 226 8.65 -19.50 15.18
N TYR A 227 8.01 -18.43 15.67
CA TYR A 227 8.18 -17.07 15.14
C TYR A 227 8.60 -16.10 16.24
N ASP A 228 9.38 -15.08 15.86
CA ASP A 228 9.85 -14.02 16.74
C ASP A 228 8.88 -12.84 16.68
N ILE A 229 8.34 -12.57 15.48
CA ILE A 229 7.33 -11.51 15.23
C ILE A 229 6.26 -12.08 14.32
N ILE A 230 5.00 -11.71 14.58
CA ILE A 230 3.86 -12.10 13.75
C ILE A 230 3.09 -10.85 13.37
N THR A 231 2.47 -10.87 12.18
CA THR A 231 1.79 -9.68 11.66
C THR A 231 0.27 -9.84 11.56
N THR A 232 -0.42 -8.73 11.21
CA THR A 232 -1.84 -8.70 10.87
C THR A 232 -2.79 -9.29 11.92
N LEU A 233 -2.64 -8.88 13.19
CA LEU A 233 -3.54 -9.33 14.26
C LEU A 233 -4.66 -8.28 14.45
N THR A 234 -5.61 -8.58 15.33
CA THR A 234 -6.70 -7.64 15.59
C THR A 234 -6.64 -7.13 17.04
N PRO A 235 -7.17 -5.92 17.35
CA PRO A 235 -7.17 -5.44 18.74
C PRO A 235 -7.75 -6.44 19.75
N ASP A 236 -8.54 -7.43 19.25
CA ASP A 236 -9.13 -8.51 20.04
C ASP A 236 -8.11 -9.51 20.57
N ASP A 237 -6.94 -9.65 19.91
CA ASP A 237 -5.85 -10.57 20.30
C ASP A 237 -4.93 -9.95 21.37
N ILE A 238 -5.02 -8.62 21.58
CA ILE A 238 -4.18 -7.86 22.50
C ILE A 238 -4.08 -8.39 23.95
N GLN A 239 -5.22 -8.47 24.67
CA GLN A 239 -5.27 -8.92 26.07
C GLN A 239 -4.63 -10.29 26.30
N LEU A 240 -4.93 -11.26 25.42
CA LEU A 240 -4.40 -12.63 25.46
C LEU A 240 -2.87 -12.68 25.28
N ILE A 241 -2.33 -12.02 24.23
CA ILE A 241 -0.87 -12.00 24.00
C ILE A 241 -0.14 -11.30 25.16
N ASN A 242 -0.62 -10.11 25.57
CA ASN A 242 -0.02 -9.33 26.65
C ASN A 242 -0.02 -10.02 28.02
N SER A 243 -0.89 -11.03 28.22
CA SER A 243 -0.97 -11.81 29.47
C SER A 243 0.31 -12.66 29.69
N TYR A 244 1.16 -12.78 28.65
CA TYR A 244 2.43 -13.48 28.70
C TYR A 244 3.53 -12.59 29.23
N PRO A 245 4.42 -13.10 30.11
CA PRO A 245 5.50 -12.25 30.62
C PRO A 245 6.56 -11.98 29.54
N ASP A 246 6.74 -12.92 28.59
CA ASP A 246 7.75 -12.83 27.52
C ASP A 246 7.24 -12.37 26.14
N LEU A 247 5.91 -12.18 25.97
CA LEU A 247 5.35 -11.72 24.69
C LEU A 247 4.60 -10.40 24.84
N GLU A 248 4.51 -9.62 23.75
CA GLU A 248 3.78 -8.36 23.74
C GLU A 248 3.30 -7.97 22.36
N THR A 249 2.21 -7.18 22.32
CA THR A 249 1.72 -6.65 21.05
C THR A 249 2.35 -5.27 20.83
N ARG A 250 2.54 -4.90 19.57
CA ARG A 250 3.07 -3.61 19.14
C ARG A 250 2.22 -3.20 17.95
N GLY A 251 1.57 -2.05 18.08
CA GLY A 251 0.66 -1.61 17.03
C GLY A 251 0.70 -0.12 16.77
N THR A 252 0.19 0.26 15.61
CA THR A 252 0.13 1.66 15.22
C THR A 252 -0.89 1.84 14.14
N LEU A 253 -1.49 3.04 14.10
CA LEU A 253 -2.37 3.39 12.99
C LEU A 253 -1.44 3.54 11.75
N ILE A 254 -1.86 3.01 10.59
CA ILE A 254 -1.00 3.13 9.39
C ILE A 254 -1.66 4.01 8.32
N GLU A 255 -0.84 4.56 7.41
CA GLU A 255 -1.25 5.46 6.33
C GLU A 255 -1.82 4.60 5.18
N ASN A 256 -2.97 4.00 5.45
CA ASN A 256 -3.67 3.10 4.54
C ASN A 256 -5.11 3.11 4.98
N PHE A 257 -6.03 2.81 4.06
CA PHE A 257 -7.42 2.64 4.45
C PHE A 257 -7.97 1.34 3.87
N HIS A 258 -8.79 0.64 4.68
CA HIS A 258 -9.50 -0.56 4.23
C HIS A 258 -10.78 -0.07 3.58
N MET A 259 -11.25 -0.82 2.60
CA MET A 259 -12.47 -0.47 1.88
C MET A 259 -13.14 -1.70 1.29
N PHE A 260 -14.34 -1.50 0.77
CA PHE A 260 -14.95 -2.49 -0.09
C PHE A 260 -15.25 -1.76 -1.40
N THR A 261 -15.26 -2.52 -2.49
CA THR A 261 -15.42 -1.99 -3.83
C THR A 261 -16.29 -2.90 -4.67
N PHE A 262 -16.57 -2.47 -5.90
CA PHE A 262 -17.53 -3.17 -6.76
C PHE A 262 -16.98 -3.47 -8.14
N ASN A 263 -17.51 -4.57 -8.74
CA ASN A 263 -17.23 -4.85 -10.13
C ASN A 263 -18.37 -4.12 -10.85
N MET A 264 -18.07 -2.90 -11.35
CA MET A 264 -19.06 -2.05 -12.01
C MET A 264 -19.35 -2.42 -13.47
N ASN A 265 -18.78 -3.55 -13.93
CA ASN A 265 -19.08 -4.14 -15.26
C ASN A 265 -20.35 -4.98 -15.07
N GLN A 266 -20.66 -5.36 -13.81
CA GLN A 266 -21.84 -6.15 -13.44
C GLN A 266 -23.08 -5.28 -13.46
N GLU A 267 -24.17 -5.78 -14.08
CA GLU A 267 -25.44 -5.06 -14.24
C GLU A 267 -25.94 -4.38 -12.96
N VAL A 268 -25.96 -5.12 -11.83
CA VAL A 268 -26.41 -4.62 -10.53
C VAL A 268 -25.64 -3.37 -10.03
N PHE A 269 -24.34 -3.28 -10.38
CA PHE A 269 -23.46 -2.18 -9.97
C PHE A 269 -23.10 -1.16 -11.05
N LYS A 270 -23.79 -1.19 -12.22
CA LYS A 270 -23.53 -0.22 -13.27
C LYS A 270 -23.96 1.19 -12.85
N ASP A 271 -25.05 1.31 -12.06
CA ASP A 271 -25.57 2.58 -11.55
C ASP A 271 -25.11 2.84 -10.11
N LYS A 272 -24.91 4.13 -9.77
CA LYS A 272 -24.44 4.58 -8.46
C LYS A 272 -25.44 4.34 -7.31
N LYS A 273 -26.77 4.27 -7.61
CA LYS A 273 -27.83 4.12 -6.63
C LYS A 273 -27.65 3.02 -5.57
N LEU A 274 -27.50 1.75 -5.98
CA LEU A 274 -27.32 0.66 -5.00
C LEU A 274 -25.97 0.78 -4.30
N ARG A 275 -24.93 1.23 -5.04
CA ARG A 275 -23.56 1.42 -4.49
C ARG A 275 -23.62 2.42 -3.33
N ARG A 276 -24.33 3.54 -3.57
CA ARG A 276 -24.51 4.61 -2.58
C ARG A 276 -25.35 4.14 -1.39
N ALA A 277 -26.43 3.35 -1.65
CA ALA A 277 -27.30 2.80 -0.61
C ALA A 277 -26.47 1.90 0.33
N LEU A 278 -25.60 1.04 -0.24
CA LEU A 278 -24.73 0.15 0.53
C LEU A 278 -23.77 0.96 1.40
N ALA A 279 -23.23 2.07 0.85
CA ALA A 279 -22.34 2.96 1.60
C ALA A 279 -23.07 3.64 2.77
N LEU A 280 -24.28 4.18 2.51
CA LEU A 280 -25.08 4.88 3.52
C LEU A 280 -25.53 4.04 4.71
N ALA A 281 -25.56 2.70 4.54
CA ALA A 281 -25.97 1.74 5.58
C ALA A 281 -24.82 1.25 6.45
N VAL A 282 -23.57 1.58 6.08
CA VAL A 282 -22.38 1.14 6.84
C VAL A 282 -22.25 1.99 8.12
N ASN A 283 -22.45 1.34 9.29
CA ASN A 283 -22.29 2.00 10.58
C ASN A 283 -20.85 1.79 11.02
N ARG A 284 -19.97 2.70 10.58
CA ARG A 284 -18.52 2.63 10.89
C ARG A 284 -18.21 2.76 12.37
N PRO A 285 -18.82 3.70 13.14
CA PRO A 285 -18.48 3.80 14.57
C PRO A 285 -18.70 2.50 15.36
N ILE A 286 -19.80 1.77 15.05
CA ILE A 286 -20.06 0.51 15.76
C ILE A 286 -19.05 -0.59 15.38
N MET A 287 -18.55 -0.59 14.13
CA MET A 287 -17.55 -1.56 13.67
C MET A 287 -16.21 -1.25 14.35
N VAL A 288 -15.86 0.05 14.44
CA VAL A 288 -14.59 0.50 15.04
C VAL A 288 -14.59 0.22 16.54
N GLU A 289 -15.73 0.46 17.19
CA GLU A 289 -15.89 0.19 18.61
C GLU A 289 -15.79 -1.34 18.88
N ALA A 290 -16.63 -2.15 18.22
CA ALA A 290 -16.72 -3.60 18.45
C ALA A 290 -15.52 -4.44 17.99
N LEU A 291 -14.96 -4.16 16.80
CA LEU A 291 -13.87 -4.98 16.25
C LEU A 291 -12.47 -4.41 16.41
N TRP A 292 -12.36 -3.08 16.54
CA TRP A 292 -11.07 -2.41 16.61
C TRP A 292 -10.73 -1.76 17.96
N LYS A 293 -11.65 -1.90 18.96
CA LYS A 293 -11.49 -1.35 20.30
C LYS A 293 -11.14 0.14 20.29
N LYS A 294 -11.77 0.89 19.35
CA LYS A 294 -11.61 2.34 19.14
C LYS A 294 -10.20 2.73 18.62
N GLN A 295 -9.34 1.74 18.29
CA GLN A 295 -7.97 1.99 17.80
C GLN A 295 -7.88 2.37 16.31
N ALA A 296 -8.88 1.96 15.50
CA ALA A 296 -8.92 2.31 14.08
C ALA A 296 -9.45 3.74 13.98
N SER A 297 -9.25 4.40 12.85
CA SER A 297 -9.70 5.77 12.68
C SER A 297 -10.61 5.89 11.45
N ILE A 298 -11.68 6.70 11.52
CA ILE A 298 -12.58 6.85 10.38
C ILE A 298 -12.30 8.20 9.72
N PRO A 299 -11.80 8.22 8.47
CA PRO A 299 -11.46 9.51 7.85
C PRO A 299 -12.68 10.26 7.35
N ALA A 300 -12.53 11.58 7.22
CA ALA A 300 -13.61 12.42 6.71
C ALA A 300 -13.44 12.42 5.17
N GLY A 301 -13.87 11.33 4.55
CA GLY A 301 -13.74 11.14 3.10
C GLY A 301 -12.36 10.65 2.70
N PHE A 302 -12.05 10.77 1.39
CA PHE A 302 -10.78 10.31 0.80
C PHE A 302 -9.79 11.43 1.10
N ASN A 303 -9.42 11.53 2.38
CA ASN A 303 -8.74 12.69 2.96
C ASN A 303 -7.95 12.27 4.18
N PHE A 304 -6.60 12.38 4.11
CA PHE A 304 -5.72 11.90 5.18
C PHE A 304 -4.67 12.91 5.59
N PRO A 305 -4.28 12.94 6.89
CA PRO A 305 -3.28 13.93 7.36
C PRO A 305 -1.95 13.92 6.60
N ASN A 306 -1.48 12.74 6.10
CA ASN A 306 -0.22 12.66 5.36
C ASN A 306 -0.25 13.46 4.04
N TYR A 307 -1.46 13.86 3.57
CA TYR A 307 -1.59 14.71 2.37
C TYR A 307 -0.96 16.11 2.56
N GLY A 308 -0.69 16.52 3.81
CA GLY A 308 -0.08 17.81 4.13
C GLY A 308 -0.94 18.97 3.68
N GLU A 309 -0.45 19.77 2.71
CA GLU A 309 -1.15 20.94 2.15
C GLU A 309 -2.50 20.60 1.52
N THR A 310 -2.69 19.35 1.10
CA THR A 310 -3.93 18.90 0.45
C THR A 310 -4.82 18.03 1.38
N PHE A 311 -4.55 18.09 2.70
CA PHE A 311 -5.40 17.47 3.71
C PHE A 311 -6.39 18.55 4.14
N ASP A 312 -7.69 18.20 4.20
CA ASP A 312 -8.71 19.15 4.64
C ASP A 312 -9.19 18.78 6.05
N PRO A 313 -8.65 19.47 7.06
CA PRO A 313 -9.04 19.17 8.46
C PRO A 313 -10.46 19.63 8.83
N LYS A 314 -11.04 20.50 8.02
CA LYS A 314 -12.40 21.02 8.26
C LYS A 314 -13.50 20.13 7.66
N ARG A 315 -13.13 19.06 6.95
CA ARG A 315 -14.11 18.19 6.32
C ARG A 315 -14.99 17.40 7.29
N LYS A 316 -16.32 17.42 7.03
CA LYS A 316 -17.33 16.70 7.80
C LYS A 316 -17.14 15.19 7.67
N ALA A 317 -17.55 14.43 8.69
CA ALA A 317 -17.53 12.98 8.63
C ALA A 317 -18.45 12.48 7.50
N MET A 318 -18.16 11.29 6.95
CA MET A 318 -18.97 10.67 5.90
C MET A 318 -20.37 10.36 6.47
N GLU A 319 -21.41 10.62 5.66
CA GLU A 319 -22.80 10.44 6.07
C GLU A 319 -23.21 8.98 6.29
N TYR A 320 -23.95 8.73 7.39
CA TYR A 320 -24.55 7.45 7.74
C TYR A 320 -26.07 7.73 7.76
N ASN A 321 -26.83 7.05 6.90
CA ASN A 321 -28.27 7.30 6.78
C ASN A 321 -29.03 6.06 6.32
N VAL A 322 -29.47 5.23 7.28
CA VAL A 322 -30.21 3.99 7.05
C VAL A 322 -31.53 4.25 6.32
N GLU A 323 -32.24 5.33 6.69
CA GLU A 323 -33.51 5.65 6.04
C GLU A 323 -33.34 6.00 4.57
N GLU A 324 -32.32 6.83 4.22
CA GLU A 324 -32.01 7.16 2.83
C GLU A 324 -31.61 5.88 2.07
N ALA A 325 -30.76 5.03 2.70
CA ALA A 325 -30.32 3.74 2.13
C ALA A 325 -31.53 2.86 1.79
N LYS A 326 -32.52 2.76 2.72
CA LYS A 326 -33.78 2.01 2.51
C LYS A 326 -34.56 2.54 1.31
N ARG A 327 -34.67 3.88 1.16
CA ARG A 327 -35.36 4.52 0.03
C ARG A 327 -34.64 4.17 -1.28
N LEU A 328 -33.30 4.35 -1.31
CA LEU A 328 -32.51 4.06 -2.50
C LEU A 328 -32.64 2.62 -3.02
N VAL A 329 -32.68 1.62 -2.11
CA VAL A 329 -32.86 0.20 -2.46
C VAL A 329 -34.27 -0.02 -3.08
N LYS A 330 -35.30 0.59 -2.46
CA LYS A 330 -36.69 0.53 -2.91
C LYS A 330 -36.84 1.09 -4.33
N GLU A 331 -36.15 2.20 -4.63
CA GLU A 331 -36.19 2.86 -5.94
C GLU A 331 -35.28 2.19 -6.98
N SER A 332 -34.29 1.40 -6.54
CA SER A 332 -33.37 0.70 -7.43
C SER A 332 -34.03 -0.54 -8.12
N GLY A 333 -33.29 -1.13 -9.07
CA GLY A 333 -33.73 -2.31 -9.81
C GLY A 333 -33.49 -3.60 -9.05
N TYR A 334 -32.77 -3.53 -7.91
CA TYR A 334 -32.44 -4.68 -7.06
C TYR A 334 -33.70 -5.43 -6.57
N ASP A 335 -33.72 -6.76 -6.78
CA ASP A 335 -34.84 -7.66 -6.49
C ASP A 335 -34.78 -8.44 -5.17
N GLY A 336 -33.58 -8.73 -4.69
CA GLY A 336 -33.38 -9.50 -3.46
C GLY A 336 -32.41 -10.65 -3.65
N THR A 337 -31.93 -10.80 -4.91
CA THR A 337 -30.97 -11.82 -5.36
C THR A 337 -29.68 -11.68 -4.51
N PRO A 338 -29.06 -12.79 -4.02
CA PRO A 338 -27.85 -12.63 -3.22
C PRO A 338 -26.68 -12.04 -4.01
N ILE A 339 -25.98 -11.06 -3.40
CA ILE A 339 -24.82 -10.42 -4.01
C ILE A 339 -23.58 -10.96 -3.31
N THR A 340 -22.63 -11.50 -4.08
CA THR A 340 -21.42 -12.04 -3.48
C THR A 340 -20.42 -10.93 -3.09
N TYR A 341 -19.66 -11.20 -2.05
CA TYR A 341 -18.61 -10.32 -1.54
C TYR A 341 -17.38 -11.23 -1.38
N HIS A 342 -16.37 -11.05 -2.24
CA HIS A 342 -15.16 -11.88 -2.24
C HIS A 342 -14.14 -11.39 -1.22
N THR A 343 -13.63 -12.31 -0.39
CA THR A 343 -12.61 -12.01 0.62
C THR A 343 -11.63 -13.17 0.73
N MET A 344 -10.31 -12.86 0.80
CA MET A 344 -9.30 -13.91 0.92
C MET A 344 -9.03 -14.16 2.39
N GLY A 345 -10.01 -14.78 3.06
CA GLY A 345 -10.00 -15.02 4.50
C GLY A 345 -9.70 -13.73 5.24
N ASN A 346 -8.72 -13.75 6.15
CA ASN A 346 -8.33 -12.54 6.86
C ASN A 346 -6.99 -11.95 6.39
N TYR A 347 -6.77 -11.91 5.06
CA TYR A 347 -5.60 -11.24 4.45
C TYR A 347 -5.57 -9.81 5.03
N TYR A 348 -6.75 -9.17 5.15
CA TYR A 348 -6.93 -7.88 5.80
C TYR A 348 -7.38 -8.20 7.21
N ALA A 349 -6.79 -7.57 8.22
CA ALA A 349 -7.16 -7.75 9.61
C ALA A 349 -8.67 -7.38 9.73
N ASN A 350 -9.44 -8.24 10.41
CA ASN A 350 -10.87 -8.04 10.62
C ASN A 350 -11.74 -8.12 9.36
N ALA A 351 -11.21 -8.65 8.24
CA ALA A 351 -11.96 -8.78 6.97
C ALA A 351 -13.29 -9.51 7.13
N MET A 352 -13.25 -10.70 7.75
CA MET A 352 -14.44 -11.50 7.96
C MET A 352 -15.37 -10.94 9.07
N PRO A 353 -14.90 -10.61 10.30
CA PRO A 353 -15.83 -9.99 11.29
C PRO A 353 -16.48 -8.68 10.76
N ALA A 354 -15.71 -7.81 10.03
CA ALA A 354 -16.26 -6.57 9.44
C ALA A 354 -17.38 -6.91 8.45
N LEU A 355 -17.10 -7.84 7.51
CA LEU A 355 -18.08 -8.29 6.51
C LEU A 355 -19.35 -8.85 7.16
N MET A 356 -19.20 -9.69 8.21
CA MET A 356 -20.34 -10.27 8.91
C MET A 356 -21.22 -9.20 9.59
N MET A 357 -20.59 -8.12 10.09
CA MET A 357 -21.34 -6.99 10.67
C MET A 357 -22.09 -6.24 9.58
N MET A 358 -21.42 -5.99 8.43
CA MET A 358 -22.02 -5.32 7.27
C MET A 358 -23.16 -6.11 6.63
N ILE A 359 -23.05 -7.46 6.58
CA ILE A 359 -24.12 -8.32 6.05
C ILE A 359 -25.41 -8.07 6.86
N GLU A 360 -25.30 -7.95 8.20
CA GLU A 360 -26.45 -7.69 9.08
C GLU A 360 -27.03 -6.29 8.81
N MET A 361 -26.14 -5.28 8.66
CA MET A 361 -26.51 -3.90 8.36
C MET A 361 -27.28 -3.81 7.04
N TRP A 362 -26.76 -4.50 6.00
CA TRP A 362 -27.37 -4.54 4.66
C TRP A 362 -28.70 -5.29 4.63
N LYS A 363 -28.82 -6.37 5.43
CA LYS A 363 -30.08 -7.15 5.58
C LYS A 363 -31.21 -6.20 6.08
N GLN A 364 -30.87 -5.24 6.98
CA GLN A 364 -31.80 -4.26 7.50
C GLN A 364 -32.29 -3.27 6.42
N ILE A 365 -31.48 -3.06 5.34
CA ILE A 365 -31.88 -2.17 4.22
C ILE A 365 -32.50 -2.93 3.03
N GLY A 366 -32.59 -4.26 3.15
CA GLY A 366 -33.18 -5.12 2.13
C GLY A 366 -32.21 -5.65 1.09
N VAL A 367 -30.90 -5.66 1.40
CA VAL A 367 -29.87 -6.18 0.48
C VAL A 367 -29.26 -7.45 1.07
N ASN A 368 -29.32 -8.56 0.30
CA ASN A 368 -28.76 -9.84 0.73
C ASN A 368 -27.36 -9.99 0.18
N VAL A 369 -26.38 -9.89 1.07
CA VAL A 369 -24.98 -10.04 0.70
C VAL A 369 -24.48 -11.36 1.28
N VAL A 370 -23.72 -12.12 0.46
CA VAL A 370 -23.18 -13.44 0.82
C VAL A 370 -21.64 -13.44 0.72
N MET A 371 -20.98 -13.91 1.80
CA MET A 371 -19.53 -14.05 1.84
C MET A 371 -19.08 -15.20 0.94
N LYS A 372 -18.06 -14.93 0.12
CA LYS A 372 -17.41 -15.91 -0.73
C LYS A 372 -15.92 -15.85 -0.39
N THR A 373 -15.49 -16.72 0.54
CA THR A 373 -14.09 -16.76 0.97
C THR A 373 -13.29 -17.65 0.03
N TYR A 374 -12.09 -17.21 -0.35
CA TYR A 374 -11.24 -17.94 -1.28
C TYR A 374 -9.80 -18.02 -0.76
N ALA A 375 -9.06 -19.05 -1.20
CA ALA A 375 -7.68 -19.31 -0.82
C ALA A 375 -6.70 -18.51 -1.70
N PRO A 376 -5.45 -18.21 -1.25
CA PRO A 376 -4.50 -17.50 -2.14
C PRO A 376 -4.31 -18.25 -3.46
N GLY A 377 -4.40 -17.52 -4.57
CA GLY A 377 -4.31 -18.08 -5.92
C GLY A 377 -5.65 -18.54 -6.48
N SER A 378 -6.74 -18.38 -5.71
CA SER A 378 -8.10 -18.79 -6.12
C SER A 378 -9.04 -17.61 -6.41
N PHE A 379 -8.48 -16.40 -6.67
CA PHE A 379 -9.31 -15.24 -7.03
C PHE A 379 -9.89 -15.55 -8.41
N PRO A 380 -11.24 -15.57 -8.55
CA PRO A 380 -11.82 -15.96 -9.83
C PRO A 380 -11.67 -14.91 -10.94
N PRO A 381 -12.01 -15.24 -12.21
CA PRO A 381 -11.99 -14.19 -13.26
C PRO A 381 -12.92 -13.06 -12.83
N ASP A 382 -12.63 -11.82 -13.27
CA ASP A 382 -13.37 -10.61 -12.91
C ASP A 382 -14.89 -10.72 -12.99
N ASN A 383 -15.42 -11.31 -14.10
CA ASN A 383 -16.87 -11.45 -14.27
C ASN A 383 -17.57 -12.41 -13.29
N GLN A 384 -16.80 -13.10 -12.43
CA GLN A 384 -17.38 -13.98 -11.43
C GLN A 384 -17.39 -13.28 -10.05
N THR A 385 -17.07 -11.97 -10.03
CA THR A 385 -17.03 -11.18 -8.79
C THR A 385 -17.99 -10.00 -8.88
N TRP A 386 -18.53 -9.61 -7.72
CA TRP A 386 -19.44 -8.50 -7.56
C TRP A 386 -18.79 -7.53 -6.56
N MET A 387 -18.95 -7.77 -5.26
CA MET A 387 -18.29 -6.95 -4.23
C MET A 387 -17.00 -7.67 -3.81
N ARG A 388 -16.03 -6.90 -3.31
CA ARG A 388 -14.78 -7.46 -2.79
C ARG A 388 -14.16 -6.44 -1.86
N ASN A 389 -13.25 -6.87 -0.99
CA ASN A 389 -12.55 -5.91 -0.14
C ASN A 389 -11.21 -5.54 -0.79
N TRP A 390 -10.62 -4.44 -0.34
CA TRP A 390 -9.35 -3.91 -0.85
C TRP A 390 -8.83 -2.95 0.19
N SER A 391 -7.64 -2.41 -0.07
CA SER A 391 -7.06 -1.35 0.75
C SER A 391 -6.21 -0.48 -0.17
N ASN A 392 -5.92 0.75 0.27
CA ASN A 392 -5.01 1.64 -0.47
C ASN A 392 -4.06 2.30 0.49
N GLY A 393 -2.76 2.09 0.27
CA GLY A 393 -1.72 2.79 1.03
C GLY A 393 -1.59 4.19 0.49
N GLN A 394 -1.61 5.21 1.37
CA GLN A 394 -1.52 6.62 0.94
C GLN A 394 -0.05 6.97 0.84
N TRP A 395 0.52 6.69 -0.34
CA TRP A 395 1.97 6.69 -0.58
C TRP A 395 2.73 7.96 -0.93
N MET A 396 2.06 9.11 -0.90
CA MET A 396 2.72 10.38 -1.17
C MET A 396 2.36 11.37 -0.06
N THR A 397 3.17 12.43 0.09
CA THR A 397 2.88 13.53 1.03
C THR A 397 1.97 14.53 0.27
N ASP A 398 0.93 14.01 -0.40
CA ASP A 398 0.06 14.80 -1.25
C ASP A 398 -1.20 13.99 -1.54
N ALA A 399 -2.34 14.68 -1.77
CA ALA A 399 -3.62 14.01 -2.07
C ALA A 399 -3.65 13.31 -3.45
N TYR A 400 -2.61 13.53 -4.30
CA TYR A 400 -2.59 12.88 -5.61
C TYR A 400 -2.80 11.36 -5.46
N ALA A 401 -2.07 10.75 -4.51
CA ALA A 401 -2.18 9.31 -4.23
C ALA A 401 -3.16 9.10 -3.05
N THR A 402 -4.09 8.12 -3.14
CA THR A 402 -4.27 7.16 -4.26
C THR A 402 -5.49 7.52 -5.13
N ILE A 403 -6.19 8.64 -4.86
CA ILE A 403 -7.38 8.98 -5.67
C ILE A 403 -7.10 9.04 -7.19
N VAL A 404 -5.97 9.62 -7.59
CA VAL A 404 -5.65 9.70 -9.02
C VAL A 404 -5.12 8.38 -9.59
N PRO A 405 -4.05 7.74 -9.06
CA PRO A 405 -3.57 6.49 -9.69
C PRO A 405 -4.58 5.34 -9.67
N GLU A 406 -5.42 5.26 -8.61
CA GLU A 406 -6.40 4.15 -8.54
C GLU A 406 -7.73 4.46 -9.18
N PHE A 407 -8.30 5.64 -8.86
CA PHE A 407 -9.64 6.04 -9.28
C PHE A 407 -9.71 7.04 -10.45
N GLY A 408 -8.55 7.51 -10.92
CA GLY A 408 -8.46 8.45 -12.04
C GLY A 408 -8.74 7.85 -13.41
N PRO A 409 -8.70 8.69 -14.48
CA PRO A 409 -9.03 8.18 -15.83
C PRO A 409 -8.06 7.12 -16.39
N ASN A 410 -6.82 7.11 -15.89
CA ASN A 410 -5.81 6.14 -16.33
C ASN A 410 -5.72 4.92 -15.40
N GLY A 411 -6.53 4.92 -14.34
CA GLY A 411 -6.52 3.86 -13.32
C GLY A 411 -7.35 2.62 -13.56
N GLN A 412 -7.12 1.60 -12.72
CA GLN A 412 -7.78 0.30 -12.80
C GLN A 412 -9.29 0.31 -12.43
N VAL A 413 -9.71 1.17 -11.48
CA VAL A 413 -11.14 1.21 -11.07
C VAL A 413 -12.06 1.57 -12.28
N GLN A 414 -11.60 2.52 -13.10
CA GLN A 414 -12.33 2.92 -14.31
C GLN A 414 -12.07 1.93 -15.48
N LYS A 415 -10.79 1.62 -15.77
CA LYS A 415 -10.38 0.80 -16.91
C LYS A 415 -10.67 -0.69 -16.82
N ARG A 416 -10.39 -1.29 -15.66
CA ARG A 416 -10.62 -2.71 -15.43
C ARG A 416 -11.98 -3.00 -14.76
N TRP A 417 -12.36 -2.20 -13.73
CA TRP A 417 -13.57 -2.42 -12.94
C TRP A 417 -14.86 -1.73 -13.40
N GLY A 418 -14.76 -1.00 -14.51
CA GLY A 418 -15.89 -0.37 -15.17
C GLY A 418 -16.57 0.81 -14.53
N TRP A 419 -15.87 1.55 -13.64
CA TRP A 419 -16.49 2.76 -13.08
C TRP A 419 -16.60 3.80 -14.19
N LYS A 420 -17.84 4.21 -14.48
CA LYS A 420 -18.11 5.26 -15.45
C LYS A 420 -18.11 6.58 -14.68
N ALA A 421 -16.90 7.11 -14.43
CA ALA A 421 -16.71 8.36 -13.68
C ALA A 421 -17.29 9.56 -14.43
N PRO A 422 -17.93 10.51 -13.70
CA PRO A 422 -18.44 11.73 -14.38
C PRO A 422 -17.26 12.48 -15.00
N ALA A 423 -17.46 13.10 -16.19
CA ALA A 423 -16.44 13.85 -16.91
C ALA A 423 -15.71 14.88 -16.03
N GLU A 424 -16.47 15.56 -15.14
CA GLU A 424 -15.93 16.57 -14.23
C GLU A 424 -14.83 15.97 -13.34
N PHE A 425 -15.04 14.75 -12.86
CA PHE A 425 -14.06 14.05 -12.02
C PHE A 425 -12.71 13.87 -12.75
N ASN A 426 -12.75 13.34 -13.99
CA ASN A 426 -11.54 13.14 -14.80
C ASN A 426 -10.83 14.45 -15.19
N GLU A 427 -11.61 15.53 -15.42
CA GLU A 427 -11.07 16.87 -15.70
C GLU A 427 -10.27 17.39 -14.49
N LEU A 428 -10.80 17.20 -13.27
CA LEU A 428 -10.13 17.61 -12.04
C LEU A 428 -8.89 16.80 -11.76
N CYS A 429 -8.91 15.49 -12.11
CA CYS A 429 -7.75 14.60 -11.98
C CYS A 429 -6.58 15.15 -12.81
N GLN A 430 -6.87 15.63 -14.06
CA GLN A 430 -5.84 16.20 -14.93
C GLN A 430 -5.27 17.51 -14.37
N LYS A 431 -6.14 18.36 -13.81
CA LYS A 431 -5.75 19.65 -13.22
C LYS A 431 -4.80 19.47 -12.02
N VAL A 432 -5.20 18.64 -11.04
CA VAL A 432 -4.39 18.41 -9.84
C VAL A 432 -2.98 17.82 -10.12
N THR A 433 -2.82 17.11 -11.26
CA THR A 433 -1.56 16.48 -11.66
C THR A 433 -0.43 17.52 -11.92
N VAL A 434 -0.79 18.62 -12.56
CA VAL A 434 0.12 19.69 -13.00
C VAL A 434 0.18 20.95 -12.13
N LEU A 435 -0.93 21.26 -11.42
CA LEU A 435 -1.01 22.49 -10.61
C LEU A 435 -0.09 22.50 -9.41
N PRO A 436 0.50 23.68 -9.07
CA PRO A 436 1.24 23.77 -7.81
C PRO A 436 0.19 23.90 -6.70
N ASN A 437 0.58 23.72 -5.44
CA ASN A 437 -0.36 23.89 -4.35
C ASN A 437 -0.92 25.31 -4.29
N GLY A 438 -2.21 25.40 -4.00
CA GLY A 438 -2.93 26.66 -3.90
C GLY A 438 -4.42 26.42 -3.80
N LYS A 439 -5.20 27.51 -3.76
CA LYS A 439 -6.66 27.50 -3.64
C LYS A 439 -7.37 26.65 -4.71
N GLU A 440 -6.99 26.80 -6.00
CA GLU A 440 -7.60 26.04 -7.10
C GLU A 440 -7.41 24.51 -6.88
N ARG A 441 -6.16 24.07 -6.64
CA ARG A 441 -5.80 22.68 -6.39
C ARG A 441 -6.49 22.11 -5.13
N PHE A 442 -6.46 22.85 -4.01
CA PHE A 442 -7.10 22.44 -2.76
C PHE A 442 -8.61 22.21 -2.97
N ASP A 443 -9.29 23.17 -3.61
CA ASP A 443 -10.73 23.09 -3.92
C ASP A 443 -11.09 21.92 -4.86
N ALA A 444 -10.22 21.63 -5.84
CA ALA A 444 -10.41 20.54 -6.81
C ALA A 444 -10.40 19.18 -6.08
N TYR A 445 -9.47 19.00 -5.13
CA TYR A 445 -9.43 17.74 -4.37
C TYR A 445 -10.71 17.58 -3.56
N ASN A 446 -11.22 18.69 -2.97
CA ASN A 446 -12.49 18.62 -2.25
C ASN A 446 -13.67 18.27 -3.15
N ARG A 447 -13.68 18.79 -4.39
CA ARG A 447 -14.76 18.48 -5.34
C ARG A 447 -14.68 17.00 -5.75
N MET A 448 -13.44 16.49 -5.93
CA MET A 448 -13.17 15.09 -6.25
C MET A 448 -13.67 14.18 -5.10
N ARG A 449 -13.45 14.61 -3.82
CA ARG A 449 -13.88 13.86 -2.63
C ARG A 449 -15.41 13.79 -2.58
N ASP A 450 -16.10 14.90 -2.95
CA ASP A 450 -17.57 14.97 -2.98
C ASP A 450 -18.14 14.01 -4.04
N ILE A 451 -17.53 13.99 -5.24
CA ILE A 451 -17.94 13.11 -6.34
C ILE A 451 -17.71 11.65 -5.94
N PHE A 452 -16.55 11.36 -5.31
CA PHE A 452 -16.23 10.01 -4.85
C PHE A 452 -17.29 9.48 -3.88
N GLU A 453 -17.73 10.30 -2.92
CA GLU A 453 -18.77 9.92 -1.95
C GLU A 453 -20.14 9.70 -2.61
N GLU A 454 -20.50 10.55 -3.58
CA GLU A 454 -21.77 10.47 -4.32
C GLU A 454 -21.83 9.21 -5.22
N GLU A 455 -20.73 8.95 -5.96
CA GLU A 455 -20.61 7.85 -6.93
C GLU A 455 -20.36 6.50 -6.28
N ALA A 456 -19.71 6.48 -5.11
CA ALA A 456 -19.37 5.26 -4.36
C ALA A 456 -18.71 4.14 -5.24
N PRO A 457 -17.65 4.44 -6.07
CA PRO A 457 -16.97 3.33 -6.79
C PRO A 457 -16.28 2.38 -5.81
N ALA A 458 -16.01 2.89 -4.60
CA ALA A 458 -15.51 2.14 -3.47
C ALA A 458 -16.06 2.84 -2.23
N VAL A 459 -16.06 2.14 -1.10
CA VAL A 459 -16.57 2.69 0.15
C VAL A 459 -15.47 2.57 1.18
N ILE A 460 -14.99 3.73 1.69
CA ILE A 460 -13.93 3.79 2.69
C ILE A 460 -14.48 3.30 4.03
N LEU A 461 -13.78 2.35 4.63
CA LEU A 461 -14.16 1.84 5.94
C LEU A 461 -13.43 2.60 7.04
N TYR A 462 -12.10 2.48 7.09
CA TYR A 462 -11.30 3.12 8.14
C TYR A 462 -9.82 2.92 7.87
N GLN A 463 -8.99 3.65 8.63
CA GLN A 463 -7.54 3.42 8.65
C GLN A 463 -7.37 2.30 9.67
N PRO A 464 -6.77 1.16 9.29
CA PRO A 464 -6.60 0.08 10.26
C PRO A 464 -5.54 0.40 11.32
N TYR A 465 -5.70 -0.17 12.51
CA TYR A 465 -4.69 -0.11 13.55
C TYR A 465 -3.90 -1.42 13.32
N ASP A 466 -2.70 -1.31 12.73
CA ASP A 466 -1.87 -2.46 12.38
C ASP A 466 -1.32 -3.09 13.65
N VAL A 467 -1.67 -4.36 13.94
CA VAL A 467 -1.23 -5.05 15.15
C VAL A 467 -0.25 -6.18 14.86
N TYR A 468 0.91 -6.10 15.51
CA TYR A 468 1.95 -7.12 15.49
C TYR A 468 2.09 -7.69 16.90
N ALA A 469 2.72 -8.87 17.01
CA ALA A 469 3.03 -9.47 18.30
C ALA A 469 4.46 -9.98 18.19
N ALA A 470 5.23 -9.80 19.27
CA ALA A 470 6.63 -10.19 19.29
C ALA A 470 7.11 -10.68 20.65
N ARG A 471 8.27 -11.34 20.64
CA ARG A 471 8.97 -11.76 21.84
C ARG A 471 9.53 -10.46 22.42
N LYS A 472 9.46 -10.29 23.76
CA LYS A 472 9.98 -9.09 24.41
C LYS A 472 11.49 -8.90 24.17
N ASP A 473 12.22 -10.01 23.93
CA ASP A 473 13.66 -10.00 23.68
C ASP A 473 14.05 -9.62 22.24
N VAL A 474 13.05 -9.35 21.37
CA VAL A 474 13.23 -8.90 20.00
C VAL A 474 12.78 -7.43 20.00
N HIS A 475 13.74 -6.51 19.96
CA HIS A 475 13.48 -5.08 20.00
C HIS A 475 13.24 -4.56 18.59
N TRP A 476 12.01 -4.16 18.31
CA TRP A 476 11.61 -3.68 16.99
C TRP A 476 10.31 -2.89 17.12
N LYS A 477 10.26 -1.70 16.54
CA LYS A 477 9.05 -0.87 16.59
C LYS A 477 8.33 -0.80 15.24
N PRO A 478 6.98 -0.91 15.22
CA PRO A 478 6.26 -0.74 13.95
C PRO A 478 6.33 0.71 13.46
N VAL A 479 6.11 0.91 12.16
CA VAL A 479 6.09 2.23 11.54
C VAL A 479 4.68 2.51 11.01
N SER A 480 4.37 3.79 10.75
CA SER A 480 3.01 4.20 10.31
C SER A 480 2.74 3.95 8.80
N PHE A 481 3.26 2.83 8.27
CA PHE A 481 3.08 2.46 6.86
C PHE A 481 3.06 0.94 6.77
N GLU A 482 2.45 0.40 5.73
CA GLU A 482 2.33 -1.04 5.49
C GLU A 482 3.66 -1.75 5.13
N MET A 483 4.65 -1.63 6.01
CA MET A 483 5.93 -2.34 5.81
C MET A 483 6.58 -2.50 7.16
N MET A 484 7.69 -3.24 7.20
CA MET A 484 8.46 -3.38 8.45
C MET A 484 9.82 -2.77 8.19
N GLU A 485 10.28 -1.89 9.08
CA GLU A 485 11.56 -1.22 8.94
C GLU A 485 12.51 -1.82 9.98
N PHE A 486 13.69 -2.28 9.54
CA PHE A 486 14.69 -2.84 10.43
C PHE A 486 15.95 -1.97 10.58
N ARG A 487 16.13 -0.96 9.69
CA ARG A 487 17.31 -0.07 9.76
C ARG A 487 17.24 0.74 11.07
N ASN A 488 18.28 0.62 11.92
CA ASN A 488 18.34 1.27 13.23
C ASN A 488 17.07 0.96 14.07
N ASN A 489 16.46 -0.22 13.82
CA ASN A 489 15.19 -0.61 14.45
C ASN A 489 15.02 -2.12 14.58
N LEU A 490 16.11 -2.83 14.90
CA LEU A 490 16.09 -4.27 15.14
C LEU A 490 17.29 -4.69 15.96
N SER A 491 17.04 -5.22 17.16
CA SER A 491 18.11 -5.70 18.04
C SER A 491 17.60 -6.87 18.90
N PHE A 492 18.53 -7.69 19.42
CA PHE A 492 18.20 -8.88 20.19
C PHE A 492 18.74 -8.86 21.59
N GLY A 493 17.96 -9.40 22.53
CA GLY A 493 18.34 -9.50 23.94
C GLY A 493 18.20 -8.20 24.72
CBH AGW B . -5.17 -7.57 -4.04
CAO AGW B . -6.45 -6.89 -3.61
OAD AGW B . -7.17 -7.50 -2.56
CBD AGW B . -4.14 -7.43 -2.98
OAR AGW B . -4.54 -6.94 -5.13
CBC AGW B . -3.64 -5.98 -4.67
CAN AGW B . -2.35 -6.00 -5.42
OAC AGW B . -1.31 -6.89 -5.05
CBG AGW B . -3.48 -6.22 -3.21
OAU AGW B . -4.15 -5.24 -2.44
O15 AGW B . -2.71 -5.59 -0.39
P1 AGW B . -3.49 -4.58 -1.19
OAL AGW B . -4.63 -3.95 -0.40
OBA AGW B . -2.46 -3.48 -1.70
CBO AGW B . -2.81 -2.15 -2.11
CBM AGW B . -2.49 -1.97 -3.51
O14 AGW B . -3.38 -2.81 -4.38
CBL AGW B . -2.46 -0.63 -3.98
O10 AGW B . -3.83 -0.09 -4.04
CBN AGW B . -1.68 0.28 -3.04
OAX AGW B . -2.06 0.14 -1.68
C8 AGW B . -1.99 -1.21 -1.25
OAH AGW B . -2.33 -1.28 0.08
O2 AGW B . -7.24 -10.77 -3.57
C2 AGW B . -6.82 -10.78 -4.94
C3 AGW B . -5.97 -11.94 -5.26
O3 AGW B . -6.09 -13.03 -4.31
C4 AGW B . -4.60 -11.66 -5.60
O4 AGW B . -3.79 -12.85 -5.77
C5 AGW B . -4.43 -10.59 -6.64
C6 AGW B . -4.43 -11.10 -8.06
O6 AGW B . -3.23 -11.65 -8.56
O5 AGW B . -5.46 -9.50 -6.53
C1 AGW B . -6.24 -9.43 -5.35
O1 AGW B . -5.43 -8.95 -4.27
C AGW B . -3.06 -9.63 -2.33
O11 AGW B . -4.37 -10.12 -1.80
O12 AGW B . -3.16 -8.44 -3.20
C11 AGW B . -1.95 -10.70 -2.79
C12 AGW B . -1.85 -11.94 -2.14
C13 AGW B . -0.87 -12.84 -2.57
C14 AGW B . -0.02 -12.51 -3.62
C15 AGW B . -0.11 -11.27 -4.25
C16 AGW B . -1.08 -10.35 -3.83
C1 EDO C . -27.00 -9.45 -10.99
O1 EDO C . -28.13 -8.66 -11.32
C2 EDO C . -25.95 -9.29 -12.10
O2 EDO C . -25.28 -8.04 -11.96
#